data_6FUV
#
_entry.id   6FUV
#
_cell.length_a   52.170
_cell.length_b   64.590
_cell.length_c   133.280
_cell.angle_alpha   90.000
_cell.angle_beta   90.000
_cell.angle_gamma   90.000
#
_symmetry.space_group_name_H-M   'P 21 21 21'
#
loop_
_entity.id
_entity.type
_entity.pdbx_description
1 polymer 'Solute Binding Protein, BlMnBP1 in complex with mannotriose'
2 branched beta-D-mannopyranose-(1-4)-beta-D-mannopyranose-(1-4)-beta-D-mannopyranose
3 non-polymer 'TRIETHYLENE GLYCOL'
4 non-polymer 'ACETATE ION'
5 non-polymer 3,6,9,12,15,18-HEXAOXAICOSANE-1,20-DIOL
6 water water
#
_entity_poly.entity_id   1
_entity_poly.type   'polypeptide(L)'
_entity_poly.pdbx_seq_one_letter_code
;NNKAGVTYPEIKLGETGKDLKATITFFNGRTDMGLASYPGKNWDAYIKEFNAMYPNITVKVQTDSNYADSALTRLQANND
SWDIMMIPAVDRSEFSNYFVSYGKTEDMDKEIKLANEKAYDGQTYGVATDGQTSGVVYNAKVFKEAGINELPKTPEEFQA
ALKAIKEKTKAVPLYTNFAEEWAMGAWDQYIGGNATGDPKFMNQIMPHDKTPFAKDDKAPDTHPYAVYKTLYDAVANGYT
EEDYSTTDWESSKGKMNNGEIATMVLGAWAVPQMKQAGEHADDVQYMPFPITVDGKQYATLAGNYSMGINKNSDKDRQEA
AMIFVKWMTEKSGYSKNEGGIPIVKNDDSYPDTYEHFKDVELIVDAPAKEGEEDLFADINSDSELGINNGNGKKIQDIVV
DAANKTKTIDQIMGEWDQKWGKAVESE
;
_entity_poly.pdbx_strand_id   A
#
loop_
_chem_comp.id
_chem_comp.type
_chem_comp.name
_chem_comp.formula
ACT non-polymer 'ACETATE ION' 'C2 H3 O2 -1'
BMA D-saccharide, beta linking beta-D-mannopyranose 'C6 H12 O6'
P33 non-polymer 3,6,9,12,15,18-HEXAOXAICOSANE-1,20-DIOL 'C14 H30 O8'
PGE non-polymer 'TRIETHYLENE GLYCOL' 'C6 H14 O4'
#
# COMPACT_ATOMS: atom_id res chain seq x y z
N ASN A 1 1.43 3.58 25.72
CA ASN A 1 1.70 4.97 26.20
C ASN A 1 0.37 5.71 26.43
N ASN A 2 -0.60 4.97 26.98
CA ASN A 2 -1.99 5.41 27.02
C ASN A 2 -2.16 6.21 28.30
N LYS A 3 -2.32 7.51 28.16
CA LYS A 3 -2.46 8.41 29.29
C LYS A 3 -3.84 8.31 29.89
N ALA A 4 -4.88 8.14 29.06
CA ALA A 4 -6.24 8.05 29.60
C ALA A 4 -6.62 6.63 30.01
N GLY A 5 -5.80 5.64 29.71
CA GLY A 5 -6.10 4.27 30.04
C GLY A 5 -7.37 3.75 29.40
N VAL A 6 -7.86 4.47 28.39
CA VAL A 6 -8.99 4.03 27.60
C VAL A 6 -8.45 3.29 26.38
N THR A 7 -8.84 2.03 26.21
CA THR A 7 -8.37 1.28 25.06
C THR A 7 -9.46 1.11 24.01
N TYR A 8 -9.04 0.75 22.80
CA TYR A 8 -9.96 0.66 21.67
C TYR A 8 -11.07 -0.37 21.88
N PRO A 9 -10.82 -1.56 22.43
CA PRO A 9 -11.95 -2.49 22.65
C PRO A 9 -12.94 -1.93 23.64
N GLU A 10 -12.50 -1.05 24.52
CA GLU A 10 -13.38 -0.57 25.55
C GLU A 10 -14.26 0.57 25.10
N ILE A 11 -14.00 1.13 23.92
CA ILE A 11 -14.71 2.33 23.46
C ILE A 11 -16.10 1.97 22.96
N LYS A 12 -17.11 2.55 23.58
CA LYS A 12 -18.50 2.42 23.11
C LYS A 12 -18.90 3.70 22.37
N LEU A 13 -18.91 3.62 21.04
CA LEU A 13 -19.13 4.81 20.22
C LEU A 13 -20.48 5.43 20.55
N GLY A 14 -20.47 6.73 20.74
CA GLY A 14 -21.64 7.48 21.13
C GLY A 14 -21.87 7.55 22.61
N GLU A 15 -21.01 6.94 23.40
CA GLU A 15 -21.09 6.90 24.85
C GLU A 15 -19.76 7.31 25.45
N THR A 16 -18.73 6.57 25.14
CA THR A 16 -17.39 6.87 25.65
C THR A 16 -16.92 8.23 25.13
N GLY A 17 -16.33 9.00 26.02
CA GLY A 17 -15.76 10.28 25.66
C GLY A 17 -16.76 11.34 25.26
N LYS A 18 -18.05 11.13 25.57
CA LYS A 18 -19.04 12.13 25.20
C LYS A 18 -18.89 13.41 26.02
N ASP A 19 -18.07 13.39 27.06
CA ASP A 19 -17.80 14.56 27.89
C ASP A 19 -16.57 15.33 27.46
N LEU A 20 -15.86 14.85 26.45
CA LEU A 20 -14.64 15.46 26.00
C LEU A 20 -14.92 16.66 25.11
N LYS A 21 -14.19 17.73 25.34
CA LYS A 21 -14.11 18.87 24.44
C LYS A 21 -12.65 19.03 24.04
N ALA A 22 -12.31 18.65 22.80
CA ALA A 22 -10.94 18.81 22.34
C ALA A 22 -10.91 18.93 20.83
N THR A 23 -9.85 19.55 20.36
CA THR A 23 -9.49 19.62 18.96
C THR A 23 -8.32 18.69 18.69
N ILE A 24 -8.44 17.82 17.70
CA ILE A 24 -7.38 16.91 17.31
C ILE A 24 -7.01 17.12 15.86
N THR A 25 -5.75 16.82 15.55
CA THR A 25 -5.18 17.02 14.23
C THR A 25 -4.85 15.68 13.58
N PHE A 26 -5.31 15.49 12.34
CA PHE A 26 -5.20 14.23 11.60
C PHE A 26 -4.29 14.52 10.41
N PHE A 27 -3.10 13.95 10.41
CA PHE A 27 -2.06 14.20 9.41
C PHE A 27 -2.00 12.96 8.51
N ASN A 28 -2.21 13.16 7.21
CA ASN A 28 -2.18 12.06 6.27
C ASN A 28 -1.76 12.54 4.90
N GLY A 29 -1.57 11.55 3.99
CA GLY A 29 -1.08 11.80 2.64
C GLY A 29 -2.15 11.96 1.59
N ARG A 30 -3.41 11.91 1.97
CA ARG A 30 -4.49 12.06 1.03
C ARG A 30 -4.72 13.55 0.75
N THR A 31 -3.77 14.11 0.01
CA THR A 31 -3.87 15.53 -0.31
C THR A 31 -5.10 15.79 -1.16
N ASP A 32 -5.43 14.84 -2.05
CA ASP A 32 -6.64 14.94 -2.84
C ASP A 32 -7.87 15.13 -1.95
N MET A 33 -7.97 14.40 -0.86
CA MET A 33 -9.16 14.45 -0.03
C MET A 33 -9.17 15.66 0.89
N GLY A 34 -8.09 16.43 0.96
CA GLY A 34 -8.10 17.72 1.62
C GLY A 34 -8.64 18.85 0.79
N LEU A 35 -9.03 18.58 -0.45
CA LEU A 35 -9.49 19.60 -1.38
C LEU A 35 -11.01 19.57 -1.55
N ALA A 36 -11.59 20.76 -1.70
CA ALA A 36 -13.03 20.86 -1.92
C ALA A 36 -13.45 20.18 -3.21
N SER A 37 -12.55 20.07 -4.17
CA SER A 37 -12.86 19.46 -5.47
C SER A 37 -12.71 17.93 -5.52
N TYR A 38 -12.40 17.28 -4.42
CA TYR A 38 -12.27 15.83 -4.43
C TYR A 38 -13.52 15.23 -5.07
N PRO A 39 -13.40 14.45 -6.14
CA PRO A 39 -14.59 13.92 -6.80
C PRO A 39 -15.27 12.78 -6.06
N GLY A 40 -15.29 12.87 -4.76
CA GLY A 40 -15.97 11.91 -3.92
C GLY A 40 -16.15 12.48 -2.55
N LYS A 41 -16.21 11.59 -1.56
CA LYS A 41 -16.34 12.02 -0.17
C LYS A 41 -14.97 12.42 0.38
N ASN A 42 -14.78 13.72 0.64
CA ASN A 42 -13.52 14.20 1.20
C ASN A 42 -13.50 14.14 2.73
N TRP A 43 -12.39 14.57 3.31
CA TRP A 43 -12.24 14.47 4.75
C TRP A 43 -13.33 15.22 5.49
N ASP A 44 -13.68 16.42 5.03
CA ASP A 44 -14.63 17.23 5.80
C ASP A 44 -16.00 16.56 5.84
N ALA A 45 -16.41 15.99 4.73
CA ALA A 45 -17.61 15.17 4.67
C ALA A 45 -17.62 14.05 5.72
N TYR A 46 -16.48 13.39 5.91
CA TYR A 46 -16.46 12.35 6.93
C TYR A 46 -16.53 12.99 8.31
N ILE A 47 -15.82 14.09 8.48
CA ILE A 47 -15.72 14.68 9.80
C ILE A 47 -17.08 15.24 10.21
N LYS A 48 -17.81 15.82 9.25
CA LYS A 48 -19.16 16.27 9.53
C LYS A 48 -20.02 15.13 10.05
N GLU A 49 -19.89 13.95 9.43
CA GLU A 49 -20.64 12.79 9.91
C GLU A 49 -20.16 12.37 11.28
N PHE A 50 -18.86 12.39 11.53
CA PHE A 50 -18.37 12.03 12.86
C PHE A 50 -18.94 12.96 13.92
N ASN A 51 -19.05 14.26 13.59
CA ASN A 51 -19.52 15.28 14.51
C ASN A 51 -21.01 15.14 14.82
N ALA A 52 -21.78 14.40 13.99
CA ALA A 52 -23.17 14.14 14.38
C ALA A 52 -23.20 13.27 15.63
N MET A 53 -22.19 12.42 15.84
CA MET A 53 -22.10 11.59 17.03
C MET A 53 -21.24 12.26 18.09
N TYR A 54 -20.15 12.91 17.70
CA TYR A 54 -19.22 13.53 18.64
C TYR A 54 -19.05 14.99 18.23
N PRO A 55 -20.03 15.83 18.54
CA PRO A 55 -19.94 17.24 18.11
C PRO A 55 -18.85 18.04 18.78
N ASN A 56 -18.39 17.67 19.96
CA ASN A 56 -17.40 18.46 20.69
C ASN A 56 -15.98 17.95 20.50
N ILE A 57 -15.79 17.00 19.60
CA ILE A 57 -14.46 16.57 19.17
C ILE A 57 -14.26 17.17 17.80
N THR A 58 -13.49 18.25 17.75
CA THR A 58 -13.15 18.92 16.51
C THR A 58 -11.97 18.21 15.90
N VAL A 59 -12.11 17.86 14.64
CA VAL A 59 -11.09 17.10 13.93
C VAL A 59 -10.64 17.98 12.77
N LYS A 60 -9.37 18.32 12.76
CA LYS A 60 -8.72 19.08 11.70
C LYS A 60 -7.71 18.20 10.97
N VAL A 61 -7.55 18.45 9.69
CA VAL A 61 -6.76 17.61 8.82
C VAL A 61 -5.61 18.42 8.27
N GLN A 62 -4.44 17.84 8.26
CA GLN A 62 -3.30 18.36 7.53
C GLN A 62 -2.81 17.27 6.59
N THR A 63 -2.38 17.65 5.41
CA THR A 63 -1.91 16.70 4.42
C THR A 63 -0.63 17.20 3.79
N ASP A 64 0.18 16.27 3.34
CA ASP A 64 1.46 16.55 2.72
C ASP A 64 1.70 15.61 1.56
N SER A 65 2.19 16.16 0.47
CA SER A 65 2.81 15.35 -0.56
C SER A 65 4.17 14.85 -0.04
N ASN A 66 4.74 13.91 -0.76
N ASN A 66 4.71 13.87 -0.73
CA ASN A 66 5.88 13.13 -0.27
CA ASN A 66 5.90 13.17 -0.25
C ASN A 66 5.67 12.80 1.21
C ASN A 66 5.70 12.76 1.21
N TYR A 67 4.53 12.17 1.48
CA TYR A 67 4.16 11.87 2.86
C TYR A 67 5.18 10.97 3.52
N ALA A 68 5.74 10.03 2.77
CA ALA A 68 6.59 9.03 3.40
C ALA A 68 7.76 9.72 4.12
N ASP A 69 8.28 10.79 3.53
CA ASP A 69 9.37 11.48 4.21
C ASP A 69 8.86 12.56 5.15
N SER A 70 7.75 13.23 4.83
CA SER A 70 7.27 14.30 5.72
C SER A 70 6.92 13.72 7.07
N ALA A 71 6.28 12.53 7.09
CA ALA A 71 5.82 11.94 8.35
C ALA A 71 7.01 11.58 9.22
N LEU A 72 8.05 11.02 8.60
CA LEU A 72 9.29 10.71 9.32
C LEU A 72 9.86 12.00 9.92
N THR A 73 9.89 13.07 9.14
CA THR A 73 10.37 14.34 9.66
C THR A 73 9.48 14.81 10.80
N ARG A 74 8.17 14.63 10.68
CA ARG A 74 7.26 15.07 11.73
C ARG A 74 7.48 14.31 13.03
N LEU A 75 7.85 13.04 12.93
CA LEU A 75 8.12 12.25 14.13
C LEU A 75 9.43 12.69 14.78
N GLN A 76 10.43 13.04 13.97
CA GLN A 76 11.64 13.62 14.52
C GLN A 76 11.36 14.95 15.21
N ALA A 77 10.39 15.72 14.76
CA ALA A 77 10.10 17.00 15.40
C ALA A 77 9.68 16.80 16.84
N ASN A 78 9.11 15.64 17.18
CA ASN A 78 8.81 15.29 18.57
C ASN A 78 7.99 16.38 19.27
N ASN A 79 6.81 16.64 18.74
CA ASN A 79 5.94 17.69 19.25
C ASN A 79 4.49 17.23 19.19
N ASP A 80 3.60 18.22 19.26
CA ASP A 80 2.17 18.04 19.44
C ASP A 80 1.38 18.53 18.25
N SER A 81 2.04 18.78 17.11
CA SER A 81 1.38 19.32 15.94
C SER A 81 0.44 18.34 15.27
N TRP A 82 0.35 17.12 15.80
CA TRP A 82 -0.46 16.06 15.24
C TRP A 82 -0.90 15.16 16.37
N ASP A 83 -2.07 14.54 16.23
CA ASP A 83 -2.56 13.53 17.16
C ASP A 83 -2.78 12.18 16.50
N ILE A 84 -3.23 12.16 15.25
CA ILE A 84 -3.25 10.97 14.42
C ILE A 84 -2.38 11.23 13.20
N MET A 85 -1.51 10.29 12.86
CA MET A 85 -0.89 10.27 11.55
C MET A 85 -1.01 8.88 10.95
N MET A 86 -0.73 8.79 9.66
CA MET A 86 -0.50 7.52 9.01
C MET A 86 0.92 7.07 9.30
N ILE A 87 1.07 5.91 9.92
CA ILE A 87 2.36 5.47 10.43
C ILE A 87 3.31 5.34 9.24
N PRO A 88 4.45 5.99 9.25
CA PRO A 88 5.39 5.85 8.12
C PRO A 88 6.33 4.67 8.30
N ALA A 89 7.46 4.63 7.60
CA ALA A 89 8.34 3.47 7.65
C ALA A 89 9.15 3.53 8.95
N VAL A 90 8.47 3.27 10.04
CA VAL A 90 9.04 3.04 11.35
C VAL A 90 9.12 1.54 11.62
N ASP A 91 10.25 1.07 12.13
CA ASP A 91 10.36 -0.35 12.47
C ASP A 91 9.40 -0.71 13.60
N ARG A 92 9.00 -1.98 13.64
CA ARG A 92 8.06 -2.45 14.65
C ARG A 92 8.62 -2.20 16.05
N SER A 93 9.89 -2.50 16.24
CA SER A 93 10.50 -2.36 17.56
C SER A 93 10.59 -0.92 18.07
N GLU A 94 10.18 0.01 17.25
CA GLU A 94 10.19 1.42 17.61
C GLU A 94 8.79 2.02 17.79
N PHE A 95 7.75 1.26 17.49
CA PHE A 95 6.41 1.82 17.60
C PHE A 95 6.21 2.47 18.97
N SER A 96 6.51 1.72 20.04
CA SER A 96 6.25 2.19 21.40
C SER A 96 7.05 3.43 21.75
N ASN A 97 8.01 3.81 20.90
CA ASN A 97 8.76 5.06 21.06
C ASN A 97 8.01 6.23 20.46
N TYR A 98 6.92 6.00 19.73
CA TYR A 98 6.23 7.12 19.10
C TYR A 98 4.72 7.10 19.30
N PHE A 99 4.12 5.94 19.38
CA PHE A 99 2.67 5.85 19.28
C PHE A 99 2.02 5.24 20.51
N VAL A 100 0.74 5.53 20.66
CA VAL A 100 -0.07 5.02 21.77
C VAL A 100 -0.63 3.66 21.41
N SER A 101 -0.54 2.69 22.31
CA SER A 101 -1.08 1.37 22.03
C SER A 101 -2.60 1.39 22.05
N TYR A 102 -3.22 0.66 21.12
CA TYR A 102 -4.67 0.56 21.13
C TYR A 102 -5.17 -0.53 22.08
N GLY A 103 -4.30 -1.38 22.56
CA GLY A 103 -4.67 -2.49 23.42
C GLY A 103 -3.75 -3.67 23.12
N LYS A 104 -4.02 -4.75 23.83
CA LYS A 104 -3.36 -6.03 23.56
C LYS A 104 -3.74 -6.51 22.16
N THR A 105 -2.76 -7.03 21.43
CA THR A 105 -3.03 -7.52 20.08
C THR A 105 -4.07 -8.64 20.09
N GLU A 106 -4.09 -9.48 21.12
CA GLU A 106 -5.09 -10.52 21.18
C GLU A 106 -6.48 -9.94 21.40
N ASP A 107 -6.60 -8.78 22.06
CA ASP A 107 -7.94 -8.18 22.13
C ASP A 107 -8.30 -7.48 20.81
N MET A 108 -7.33 -6.77 20.22
CA MET A 108 -7.63 -6.03 19.00
C MET A 108 -7.94 -6.98 17.84
N ASP A 109 -7.44 -8.20 17.90
CA ASP A 109 -7.66 -9.20 16.84
C ASP A 109 -9.11 -9.67 16.77
N LYS A 110 -9.88 -9.49 17.83
CA LYS A 110 -11.31 -9.71 17.80
C LYS A 110 -12.10 -8.53 17.23
N GLU A 111 -11.45 -7.38 17.08
CA GLU A 111 -12.08 -6.15 16.64
C GLU A 111 -11.73 -5.78 15.21
N ILE A 112 -10.48 -5.92 14.79
CA ILE A 112 -10.07 -5.50 13.46
C ILE A 112 -9.30 -6.60 12.75
N LYS A 113 -9.30 -6.55 11.44
CA LYS A 113 -8.32 -7.28 10.64
C LYS A 113 -6.90 -6.73 10.87
N LEU A 114 -5.92 -7.60 10.70
CA LEU A 114 -4.53 -7.17 10.64
C LEU A 114 -4.05 -6.55 11.94
N ALA A 115 -4.51 -7.08 13.07
CA ALA A 115 -4.17 -6.50 14.36
C ALA A 115 -2.69 -6.63 14.68
N ASN A 116 -1.96 -7.56 14.06
CA ASN A 116 -0.56 -7.79 14.32
C ASN A 116 0.33 -7.19 13.26
N GLU A 117 -0.24 -6.41 12.33
CA GLU A 117 0.56 -5.77 11.29
C GLU A 117 1.39 -4.62 11.86
N LYS A 118 0.75 -3.67 12.50
CA LYS A 118 1.45 -2.56 13.14
C LYS A 118 1.40 -2.81 14.64
N ALA A 119 2.14 -3.83 15.04
CA ALA A 119 2.15 -4.28 16.43
C ALA A 119 3.57 -4.60 16.85
N TYR A 120 3.79 -4.69 18.14
CA TYR A 120 5.07 -5.15 18.69
C TYR A 120 4.79 -5.70 20.07
N ASP A 121 5.33 -6.89 20.33
CA ASP A 121 5.38 -7.43 21.67
C ASP A 121 3.99 -7.50 22.29
N GLY A 122 3.01 -7.88 21.48
CA GLY A 122 1.67 -8.14 21.95
C GLY A 122 0.80 -6.90 22.09
N GLN A 123 1.22 -5.77 21.52
CA GLN A 123 0.46 -4.54 21.54
C GLN A 123 0.31 -3.99 20.14
N THR A 124 -0.88 -3.50 19.83
CA THR A 124 -1.20 -2.99 18.51
C THR A 124 -1.14 -1.47 18.53
N TYR A 125 -0.33 -0.90 17.63
CA TYR A 125 -0.08 0.52 17.56
C TYR A 125 -0.67 1.18 16.33
N GLY A 126 -1.19 0.39 15.39
CA GLY A 126 -1.79 0.91 14.19
C GLY A 126 -3.02 0.20 13.75
N VAL A 127 -4.02 0.93 13.26
CA VAL A 127 -5.26 0.40 12.68
C VAL A 127 -5.29 0.89 11.23
N ALA A 128 -5.39 -0.07 10.30
CA ALA A 128 -5.34 0.27 8.89
C ALA A 128 -6.62 0.98 8.50
N THR A 129 -6.48 1.98 7.63
CA THR A 129 -7.67 2.66 7.17
C THR A 129 -8.56 1.70 6.39
N ASP A 130 -7.95 0.79 5.64
CA ASP A 130 -8.68 -0.33 5.03
C ASP A 130 -7.69 -1.40 4.61
N GLY A 131 -8.25 -2.55 4.18
CA GLY A 131 -7.45 -3.63 3.66
C GLY A 131 -7.10 -3.39 2.19
N GLN A 132 -5.87 -3.73 1.83
CA GLN A 132 -5.39 -3.46 0.48
C GLN A 132 -4.82 -4.71 -0.16
N THR A 133 -4.97 -4.75 -1.47
CA THR A 133 -4.20 -5.63 -2.33
C THR A 133 -3.46 -4.78 -3.35
N SER A 134 -2.50 -5.37 -4.06
CA SER A 134 -1.83 -4.73 -5.19
C SER A 134 -2.08 -5.51 -6.46
N GLY A 135 -2.28 -4.81 -7.53
CA GLY A 135 -2.64 -5.40 -8.81
C GLY A 135 -2.20 -4.52 -9.98
N VAL A 136 -3.06 -4.44 -11.00
CA VAL A 136 -2.85 -3.53 -12.13
C VAL A 136 -4.15 -2.81 -12.44
N VAL A 137 -4.07 -1.46 -12.46
CA VAL A 137 -5.16 -0.63 -12.97
C VAL A 137 -5.03 -0.59 -14.48
N TYR A 138 -6.13 -0.74 -15.21
CA TYR A 138 -6.06 -0.80 -16.67
C TYR A 138 -7.36 -0.26 -17.26
N ASN A 139 -7.24 0.29 -18.47
CA ASN A 139 -8.38 0.83 -19.19
C ASN A 139 -8.93 -0.29 -20.09
N ALA A 140 -10.10 -0.81 -19.74
CA ALA A 140 -10.73 -1.89 -20.51
C ALA A 140 -11.07 -1.46 -21.94
N LYS A 141 -11.54 -0.23 -22.14
CA LYS A 141 -11.77 0.24 -23.51
C LYS A 141 -10.50 0.14 -24.36
N VAL A 142 -9.39 0.66 -23.84
CA VAL A 142 -8.13 0.50 -24.56
C VAL A 142 -7.85 -0.98 -24.82
N PHE A 143 -8.05 -1.82 -23.79
CA PHE A 143 -7.78 -3.24 -23.96
C PHE A 143 -8.64 -3.82 -25.09
N LYS A 144 -9.90 -3.36 -25.21
CA LYS A 144 -10.74 -3.89 -26.28
C LYS A 144 -10.27 -3.38 -27.64
N GLU A 145 -9.84 -2.12 -27.72
CA GLU A 145 -9.37 -1.60 -28.99
C GLU A 145 -8.13 -2.34 -29.48
N ALA A 146 -7.37 -2.95 -28.56
CA ALA A 146 -6.14 -3.66 -28.89
C ALA A 146 -6.35 -5.14 -29.11
N GLY A 147 -7.58 -5.61 -29.11
CA GLY A 147 -7.87 -7.00 -29.34
C GLY A 147 -7.75 -7.90 -28.15
N ILE A 148 -7.47 -7.35 -26.97
CA ILE A 148 -7.29 -8.13 -25.75
C ILE A 148 -8.67 -8.33 -25.12
N ASN A 149 -9.15 -9.57 -25.14
CA ASN A 149 -10.45 -9.90 -24.56
C ASN A 149 -10.38 -10.79 -23.33
N GLU A 150 -9.19 -11.20 -22.89
CA GLU A 150 -9.01 -11.79 -21.58
C GLU A 150 -7.76 -11.21 -20.97
N LEU A 151 -7.75 -11.16 -19.64
CA LEU A 151 -6.69 -10.50 -18.90
C LEU A 151 -5.43 -11.37 -18.88
N PRO A 152 -4.25 -10.76 -19.13
CA PRO A 152 -3.00 -11.51 -18.92
C PRO A 152 -2.89 -11.97 -17.48
N LYS A 153 -2.38 -13.19 -17.30
CA LYS A 153 -2.17 -13.78 -16.00
C LYS A 153 -0.72 -14.18 -15.76
N THR A 154 0.16 -14.07 -16.73
CA THR A 154 1.57 -14.38 -16.60
C THR A 154 2.37 -13.19 -17.10
N PRO A 155 3.69 -13.15 -16.83
CA PRO A 155 4.51 -12.05 -17.37
C PRO A 155 4.58 -12.01 -18.90
N GLU A 156 4.67 -13.17 -19.55
CA GLU A 156 4.71 -13.20 -21.01
C GLU A 156 3.39 -12.72 -21.60
N GLU A 157 2.27 -13.15 -21.01
CA GLU A 157 0.96 -12.68 -21.48
C GLU A 157 0.82 -11.19 -21.25
N PHE A 158 1.39 -10.69 -20.17
CA PHE A 158 1.33 -9.26 -19.91
C PHE A 158 2.12 -8.49 -20.96
N GLN A 159 3.32 -8.96 -21.31
CA GLN A 159 4.11 -8.20 -22.28
C GLN A 159 3.46 -8.28 -23.64
N ALA A 160 2.92 -9.45 -24.00
CA ALA A 160 2.16 -9.55 -25.25
C ALA A 160 0.99 -8.57 -25.24
N ALA A 161 0.28 -8.42 -24.12
CA ALA A 161 -0.75 -7.39 -24.02
C ALA A 161 -0.20 -6.00 -24.31
N LEU A 162 0.92 -5.65 -23.67
CA LEU A 162 1.53 -4.34 -23.92
C LEU A 162 1.97 -4.19 -25.37
N LYS A 163 2.44 -5.27 -25.99
CA LYS A 163 2.79 -5.18 -27.41
C LYS A 163 1.56 -4.88 -28.26
N ALA A 164 0.44 -5.52 -27.95
CA ALA A 164 -0.78 -5.24 -28.71
C ALA A 164 -1.28 -3.82 -28.49
N ILE A 165 -1.22 -3.32 -27.24
CA ILE A 165 -1.69 -1.97 -26.94
C ILE A 165 -0.90 -0.96 -27.73
N LYS A 166 0.42 -1.13 -27.76
CA LYS A 166 1.25 -0.14 -28.44
C LYS A 166 1.09 -0.23 -29.94
N GLU A 167 0.82 -1.42 -30.45
CA GLU A 167 0.65 -1.63 -31.87
C GLU A 167 -0.67 -1.06 -32.39
N LYS A 168 -1.75 -1.33 -31.69
CA LYS A 168 -3.10 -1.06 -32.18
C LYS A 168 -3.76 0.17 -31.58
N THR A 169 -3.14 0.80 -30.58
CA THR A 169 -3.72 1.94 -29.91
C THR A 169 -2.66 3.01 -29.72
N LYS A 170 -3.13 4.18 -29.34
CA LYS A 170 -2.27 5.32 -29.02
C LYS A 170 -1.98 5.44 -27.53
N ALA A 171 -2.59 4.61 -26.69
CA ALA A 171 -2.30 4.67 -25.25
C ALA A 171 -0.83 4.33 -24.95
N VAL A 172 -0.27 5.05 -24.00
CA VAL A 172 0.96 4.62 -23.36
C VAL A 172 0.67 3.26 -22.75
N PRO A 173 1.41 2.20 -23.11
CA PRO A 173 1.03 0.86 -22.64
C PRO A 173 1.12 0.70 -21.12
N LEU A 174 2.24 1.14 -20.52
CA LEU A 174 2.39 1.15 -19.06
C LEU A 174 3.14 2.40 -18.64
N TYR A 175 2.55 3.17 -17.74
CA TYR A 175 3.08 4.41 -17.21
C TYR A 175 3.80 4.11 -15.89
N THR A 176 5.04 4.51 -15.79
CA THR A 176 5.85 4.10 -14.64
C THR A 176 5.64 4.98 -13.41
N ASN A 177 5.26 6.22 -13.59
CA ASN A 177 5.35 7.21 -12.52
C ASN A 177 6.70 7.17 -11.79
N PHE A 178 7.74 6.90 -12.56
CA PHE A 178 9.10 7.00 -12.09
C PHE A 178 9.36 8.16 -11.15
N ALA A 179 8.83 9.36 -11.45
CA ALA A 179 9.15 10.52 -10.65
C ALA A 179 8.55 10.48 -9.25
N GLU A 180 7.65 9.57 -8.97
CA GLU A 180 7.13 9.39 -7.61
C GLU A 180 7.84 8.19 -7.02
N GLU A 181 8.63 8.45 -5.99
CA GLU A 181 9.36 7.35 -5.36
C GLU A 181 8.41 6.30 -4.78
N TRP A 182 7.37 6.74 -4.10
CA TRP A 182 6.39 5.80 -3.55
C TRP A 182 5.79 4.94 -4.66
N ALA A 183 5.57 5.53 -5.83
CA ALA A 183 4.95 4.76 -6.91
C ALA A 183 5.93 3.70 -7.40
N MET A 184 7.22 4.02 -7.39
N MET A 184 7.22 4.02 -7.40
CA MET A 184 8.25 3.06 -7.75
CA MET A 184 8.21 3.02 -7.77
C MET A 184 8.39 1.99 -6.67
C MET A 184 8.38 1.99 -6.65
N GLY A 185 8.45 2.43 -5.40
CA GLY A 185 8.60 1.51 -4.31
C GLY A 185 7.46 0.54 -4.18
N ALA A 186 6.30 0.88 -4.72
CA ALA A 186 5.15 0.00 -4.65
C ALA A 186 5.36 -1.32 -5.37
N TRP A 187 6.38 -1.42 -6.23
CA TRP A 187 6.65 -2.71 -6.87
C TRP A 187 7.05 -3.76 -5.82
N ASP A 188 7.54 -3.32 -4.67
CA ASP A 188 7.90 -4.26 -3.61
C ASP A 188 6.68 -5.02 -3.12
N GLN A 189 5.48 -4.50 -3.39
CA GLN A 189 4.26 -5.03 -2.79
C GLN A 189 3.84 -6.34 -3.40
N TYR A 190 4.43 -6.71 -4.52
CA TYR A 190 4.01 -7.84 -5.31
C TYR A 190 4.88 -9.07 -5.09
N ILE A 191 5.98 -8.93 -4.32
CA ILE A 191 7.01 -9.99 -4.39
C ILE A 191 6.80 -11.15 -3.44
N GLY A 192 5.87 -11.06 -2.52
CA GLY A 192 5.61 -12.11 -1.57
C GLY A 192 4.47 -13.03 -2.00
N GLY A 193 3.32 -12.89 -1.36
CA GLY A 193 2.20 -13.71 -1.69
C GLY A 193 1.82 -13.68 -3.15
N ASN A 194 1.77 -12.49 -3.74
CA ASN A 194 1.38 -12.41 -5.15
C ASN A 194 2.28 -13.29 -6.02
N ALA A 195 3.59 -13.24 -5.78
CA ALA A 195 4.57 -13.85 -6.65
C ALA A 195 4.84 -15.30 -6.31
N THR A 196 4.45 -15.76 -5.13
CA THR A 196 4.81 -17.09 -4.70
C THR A 196 3.63 -17.90 -4.21
N GLY A 197 2.50 -17.28 -3.91
CA GLY A 197 1.35 -17.94 -3.34
C GLY A 197 1.61 -18.47 -1.94
N ASP A 198 2.72 -18.05 -1.32
CA ASP A 198 3.12 -18.60 -0.01
C ASP A 198 3.06 -17.55 1.07
N PRO A 199 2.13 -17.61 1.99
CA PRO A 199 2.07 -16.58 3.04
C PRO A 199 3.34 -16.46 3.86
N LYS A 200 4.16 -17.51 3.92
CA LYS A 200 5.37 -17.53 4.72
C LYS A 200 6.61 -16.96 4.02
N PHE A 201 6.49 -16.58 2.73
CA PHE A 201 7.67 -16.11 2.00
C PHE A 201 8.25 -14.82 2.56
N MET A 202 7.41 -13.82 2.86
CA MET A 202 7.94 -12.50 3.21
C MET A 202 8.70 -12.56 4.53
N ASN A 203 8.06 -13.01 5.59
CA ASN A 203 8.57 -12.87 6.94
C ASN A 203 9.28 -14.12 7.45
N GLN A 204 9.22 -15.24 6.74
CA GLN A 204 9.84 -16.47 7.22
C GLN A 204 10.85 -17.08 6.27
N ILE A 205 10.70 -16.91 4.97
CA ILE A 205 11.65 -17.44 4.02
C ILE A 205 12.72 -16.40 3.70
N MET A 206 12.31 -15.21 3.30
CA MET A 206 13.26 -14.16 2.91
C MET A 206 14.34 -13.88 3.95
N PRO A 207 14.03 -13.76 5.24
CA PRO A 207 15.11 -13.55 6.22
C PRO A 207 16.01 -14.78 6.42
N HIS A 208 15.75 -15.89 5.75
CA HIS A 208 16.59 -17.08 5.85
C HIS A 208 17.09 -17.54 4.48
N ASP A 209 17.17 -16.61 3.54
CA ASP A 209 17.43 -16.89 2.13
C ASP A 209 18.40 -15.84 1.62
N LYS A 210 19.53 -16.29 1.12
CA LYS A 210 20.57 -15.37 0.63
C LYS A 210 20.27 -14.84 -0.76
N THR A 211 19.34 -15.46 -1.49
CA THR A 211 19.15 -15.07 -2.85
C THR A 211 17.68 -15.03 -3.21
N PRO A 212 16.84 -14.37 -2.39
CA PRO A 212 15.40 -14.32 -2.70
C PRO A 212 15.08 -13.67 -4.02
N PHE A 213 16.03 -12.95 -4.63
CA PHE A 213 15.73 -12.21 -5.85
C PHE A 213 16.21 -12.94 -7.10
N ALA A 214 16.86 -14.09 -6.95
CA ALA A 214 17.28 -14.85 -8.10
C ALA A 214 16.08 -15.49 -8.82
N LYS A 215 16.24 -15.66 -10.13
CA LYS A 215 15.24 -16.36 -10.92
C LYS A 215 15.04 -17.77 -10.36
N ASP A 216 13.79 -18.20 -10.33
CA ASP A 216 13.42 -19.54 -9.87
C ASP A 216 13.29 -20.41 -11.11
N ASP A 217 14.34 -21.20 -11.39
CA ASP A 217 14.35 -21.99 -12.61
C ASP A 217 13.31 -23.09 -12.63
N LYS A 218 12.73 -23.50 -11.49
CA LYS A 218 11.59 -24.41 -11.53
C LYS A 218 10.31 -23.70 -11.94
N ALA A 219 10.22 -22.39 -11.75
CA ALA A 219 9.05 -21.60 -12.16
C ALA A 219 9.52 -20.19 -12.39
N PRO A 220 10.12 -19.92 -13.56
CA PRO A 220 10.82 -18.65 -13.75
C PRO A 220 9.91 -17.48 -13.87
N ASP A 221 8.58 -17.66 -14.04
CA ASP A 221 7.61 -16.57 -14.09
C ASP A 221 6.90 -16.36 -12.75
N THR A 222 7.51 -16.83 -11.68
CA THR A 222 7.07 -16.58 -10.33
C THR A 222 8.23 -15.99 -9.54
N HIS A 223 7.99 -15.67 -8.26
CA HIS A 223 8.95 -15.20 -7.26
C HIS A 223 9.37 -13.75 -7.54
N PRO A 224 10.04 -13.12 -6.58
CA PRO A 224 10.36 -11.70 -6.77
C PRO A 224 10.97 -11.38 -8.13
N TYR A 225 11.90 -12.19 -8.59
CA TYR A 225 12.51 -11.95 -9.89
C TYR A 225 11.47 -11.58 -10.94
N ALA A 226 10.41 -12.37 -11.07
CA ALA A 226 9.47 -12.17 -12.16
C ALA A 226 8.78 -10.83 -12.03
N VAL A 227 8.53 -10.41 -10.79
CA VAL A 227 7.93 -9.10 -10.56
C VAL A 227 8.80 -8.01 -11.15
N TYR A 228 10.03 -7.92 -10.72
CA TYR A 228 10.87 -6.83 -11.17
C TYR A 228 11.25 -6.99 -12.64
N LYS A 229 11.27 -8.22 -13.16
CA LYS A 229 11.50 -8.37 -14.60
C LYS A 229 10.34 -7.80 -15.43
N THR A 230 9.13 -7.85 -14.89
CA THR A 230 8.01 -7.29 -15.62
C THR A 230 8.24 -5.81 -15.88
N LEU A 231 8.65 -5.07 -14.85
CA LEU A 231 9.03 -3.66 -14.98
C LEU A 231 10.20 -3.51 -15.93
N TYR A 232 11.27 -4.29 -15.74
CA TYR A 232 12.42 -4.19 -16.64
C TYR A 232 11.96 -4.35 -18.07
N ASP A 233 11.15 -5.38 -18.35
CA ASP A 233 10.81 -5.68 -19.72
C ASP A 233 9.86 -4.64 -20.31
N ALA A 234 8.90 -4.14 -19.53
CA ALA A 234 8.06 -3.08 -20.03
C ALA A 234 8.91 -1.91 -20.53
N VAL A 235 9.90 -1.50 -19.74
CA VAL A 235 10.73 -0.36 -20.15
C VAL A 235 11.63 -0.73 -21.33
N ALA A 236 12.31 -1.88 -21.23
CA ALA A 236 13.29 -2.21 -22.25
C ALA A 236 12.63 -2.52 -23.58
N ASN A 237 11.46 -3.12 -23.56
CA ASN A 237 10.75 -3.40 -24.80
C ASN A 237 10.13 -2.15 -25.43
N GLY A 238 10.30 -0.99 -24.82
CA GLY A 238 9.69 0.21 -25.33
C GLY A 238 8.19 0.36 -25.12
N TYR A 239 7.65 -0.16 -24.02
CA TYR A 239 6.22 -0.13 -23.76
C TYR A 239 5.84 0.87 -22.66
N THR A 240 6.75 1.74 -22.26
CA THR A 240 6.43 2.73 -21.25
C THR A 240 6.46 4.16 -21.84
N GLU A 241 6.33 5.16 -20.96
CA GLU A 241 6.30 6.52 -21.44
C GLU A 241 7.62 6.90 -22.09
N GLU A 242 7.59 7.90 -22.96
CA GLU A 242 8.78 8.31 -23.69
C GLU A 242 9.85 8.90 -22.79
N ASP A 243 9.47 9.61 -21.73
CA ASP A 243 10.42 10.27 -20.85
C ASP A 243 10.06 9.95 -19.42
N TYR A 244 10.83 9.07 -18.79
CA TYR A 244 10.49 8.65 -17.44
C TYR A 244 10.75 9.73 -16.42
N SER A 245 11.65 10.66 -16.69
CA SER A 245 12.01 11.68 -15.71
C SER A 245 10.95 12.73 -15.54
N THR A 246 9.97 12.79 -16.43
CA THR A 246 8.96 13.82 -16.34
C THR A 246 7.56 13.27 -16.10
N THR A 247 7.44 12.12 -15.46
CA THR A 247 6.13 11.57 -15.18
C THR A 247 5.43 12.44 -14.15
N ASP A 248 4.11 12.53 -14.24
CA ASP A 248 3.31 13.26 -13.26
C ASP A 248 2.13 12.43 -12.77
N TRP A 249 2.04 12.30 -11.45
CA TRP A 249 1.05 11.45 -10.82
C TRP A 249 -0.36 11.97 -11.00
N GLU A 250 -0.62 13.21 -10.60
CA GLU A 250 -2.01 13.68 -10.60
C GLU A 250 -2.60 13.64 -12.02
N SER A 251 -1.82 14.04 -13.02
CA SER A 251 -2.34 13.99 -14.38
C SER A 251 -2.47 12.56 -14.91
N SER A 252 -1.71 11.59 -14.37
CA SER A 252 -1.82 10.21 -14.84
C SER A 252 -3.18 9.61 -14.53
N LYS A 253 -3.82 10.08 -13.45
CA LYS A 253 -5.17 9.64 -13.13
C LYS A 253 -6.13 9.97 -14.27
N GLY A 254 -6.08 11.18 -14.75
CA GLY A 254 -6.93 11.53 -15.86
C GLY A 254 -6.59 10.74 -17.10
N LYS A 255 -5.30 10.55 -17.36
CA LYS A 255 -4.88 9.90 -18.58
C LYS A 255 -5.35 8.45 -18.59
N MET A 256 -5.24 7.76 -17.45
CA MET A 256 -5.83 6.43 -17.33
C MET A 256 -7.32 6.46 -17.60
N ASN A 257 -8.03 7.43 -17.02
CA ASN A 257 -9.48 7.50 -17.22
C ASN A 257 -9.86 7.75 -18.68
N ASN A 258 -9.03 8.48 -19.44
CA ASN A 258 -9.36 8.83 -20.82
C ASN A 258 -8.65 7.95 -21.82
N GLY A 259 -8.01 6.88 -21.39
CA GLY A 259 -7.47 5.94 -22.32
C GLY A 259 -6.19 6.36 -22.98
N GLU A 260 -5.51 7.33 -22.41
CA GLU A 260 -4.19 7.67 -22.91
C GLU A 260 -3.10 6.90 -22.19
N ILE A 261 -3.44 6.24 -21.09
CA ILE A 261 -2.58 5.27 -20.41
C ILE A 261 -3.37 3.99 -20.33
N ALA A 262 -2.76 2.88 -20.69
CA ALA A 262 -3.46 1.60 -20.68
C ALA A 262 -3.34 0.91 -19.32
N THR A 263 -2.13 0.85 -18.75
CA THR A 263 -1.94 0.16 -17.48
C THR A 263 -1.05 0.95 -16.53
N MET A 264 -1.33 0.82 -15.22
CA MET A 264 -0.41 1.25 -14.17
C MET A 264 -0.44 0.21 -13.04
N VAL A 265 0.75 -0.07 -12.51
CA VAL A 265 0.96 -1.11 -11.52
C VAL A 265 0.81 -0.50 -10.13
N LEU A 266 -0.38 -0.66 -9.57
CA LEU A 266 -0.78 0.04 -8.35
C LEU A 266 -1.76 -0.82 -7.56
N GLY A 267 -1.95 -0.46 -6.27
CA GLY A 267 -2.91 -1.14 -5.43
C GLY A 267 -4.34 -0.75 -5.70
N ALA A 268 -5.26 -1.47 -5.05
CA ALA A 268 -6.69 -1.27 -5.29
C ALA A 268 -7.12 0.11 -4.86
N TRP A 269 -6.40 0.74 -3.93
CA TRP A 269 -6.75 2.07 -3.47
C TRP A 269 -6.74 3.04 -4.62
N ALA A 270 -5.98 2.77 -5.66
CA ALA A 270 -5.88 3.68 -6.79
C ALA A 270 -7.06 3.62 -7.75
N VAL A 271 -7.91 2.61 -7.69
CA VAL A 271 -8.92 2.43 -8.73
C VAL A 271 -9.99 3.51 -8.61
N PRO A 272 -10.60 3.73 -7.46
CA PRO A 272 -11.61 4.80 -7.42
C PRO A 272 -11.03 6.16 -7.77
N GLN A 273 -9.79 6.45 -7.39
CA GLN A 273 -9.22 7.76 -7.66
C GLN A 273 -9.17 8.00 -9.17
N MET A 274 -8.89 6.96 -9.95
CA MET A 274 -8.84 7.11 -11.38
C MET A 274 -10.17 6.93 -12.06
N LYS A 275 -11.07 6.12 -11.49
CA LYS A 275 -12.44 6.08 -11.96
C LYS A 275 -13.06 7.46 -11.90
N GLN A 276 -12.79 8.20 -10.80
CA GLN A 276 -13.34 9.52 -10.53
C GLN A 276 -12.64 10.64 -11.27
N ALA A 277 -11.47 10.40 -11.85
CA ALA A 277 -10.67 11.46 -12.45
C ALA A 277 -11.15 11.84 -13.82
N GLY A 278 -12.27 11.30 -14.24
CA GLY A 278 -12.77 11.61 -15.55
C GLY A 278 -14.14 11.05 -15.73
N GLU A 279 -14.68 11.20 -16.93
CA GLU A 279 -16.05 10.77 -17.17
C GLU A 279 -16.18 9.31 -17.50
N HIS A 280 -15.08 8.59 -17.72
CA HIS A 280 -15.10 7.20 -18.15
C HIS A 280 -14.77 6.25 -17.01
N ALA A 281 -15.43 6.42 -15.85
CA ALA A 281 -15.17 5.55 -14.72
C ALA A 281 -15.20 4.08 -15.11
N ASP A 282 -16.18 3.68 -15.93
CA ASP A 282 -16.45 2.27 -16.13
C ASP A 282 -15.38 1.59 -16.97
N ASP A 283 -14.56 2.37 -17.70
CA ASP A 283 -13.41 1.82 -18.41
C ASP A 283 -12.20 1.54 -17.52
N VAL A 284 -12.16 2.12 -16.32
CA VAL A 284 -11.04 1.93 -15.41
C VAL A 284 -11.34 0.73 -14.52
N GLN A 285 -10.53 -0.31 -14.66
CA GLN A 285 -10.73 -1.60 -14.03
C GLN A 285 -9.48 -1.98 -13.26
N TYR A 286 -9.56 -3.12 -12.59
CA TYR A 286 -8.50 -3.58 -11.71
C TYR A 286 -8.30 -5.06 -11.95
N MET A 287 -7.09 -5.45 -12.31
CA MET A 287 -6.74 -6.83 -12.53
C MET A 287 -5.66 -7.34 -11.58
N PRO A 288 -5.65 -8.64 -11.35
CA PRO A 288 -4.55 -9.24 -10.59
C PRO A 288 -3.23 -9.01 -11.31
N PHE A 289 -2.18 -8.84 -10.52
CA PHE A 289 -0.88 -8.74 -11.12
C PHE A 289 -0.65 -10.04 -11.89
N PRO A 290 -0.12 -9.96 -13.11
CA PRO A 290 -0.07 -11.16 -13.96
C PRO A 290 1.05 -12.15 -13.60
N ILE A 291 0.88 -12.80 -12.45
CA ILE A 291 1.68 -13.97 -12.11
C ILE A 291 0.72 -15.08 -11.78
N THR A 292 1.05 -16.30 -12.20
CA THR A 292 0.31 -17.51 -11.87
C THR A 292 1.25 -18.53 -11.26
N VAL A 293 0.83 -19.09 -10.15
CA VAL A 293 1.56 -20.13 -9.44
C VAL A 293 0.77 -21.45 -9.47
N ASP A 294 1.25 -22.43 -10.22
CA ASP A 294 0.62 -23.74 -10.36
C ASP A 294 -0.85 -23.59 -10.67
N GLY A 295 -1.13 -22.87 -11.74
CA GLY A 295 -2.50 -22.67 -12.17
C GLY A 295 -3.36 -21.72 -11.38
N LYS A 296 -2.83 -21.08 -10.34
CA LYS A 296 -3.61 -20.21 -9.47
C LYS A 296 -2.98 -18.84 -9.30
N GLN A 297 -3.81 -17.86 -9.04
CA GLN A 297 -3.39 -16.49 -8.80
C GLN A 297 -3.69 -16.11 -7.36
N TYR A 298 -2.79 -15.30 -6.79
CA TYR A 298 -2.80 -14.97 -5.38
C TYR A 298 -2.58 -13.48 -5.25
N ALA A 299 -3.11 -12.91 -4.18
CA ALA A 299 -2.85 -11.53 -3.83
C ALA A 299 -2.61 -11.41 -2.33
N THR A 300 -1.52 -10.76 -1.96
CA THR A 300 -1.27 -10.48 -0.56
C THR A 300 -2.33 -9.51 -0.07
N LEU A 301 -2.91 -9.82 1.07
CA LEU A 301 -3.78 -8.90 1.79
C LEU A 301 -2.93 -8.23 2.87
N ALA A 302 -2.81 -6.91 2.77
CA ALA A 302 -2.05 -6.15 3.75
C ALA A 302 -2.71 -4.79 3.91
N GLY A 303 -2.42 -4.14 5.02
CA GLY A 303 -3.06 -2.87 5.27
C GLY A 303 -2.67 -1.77 4.30
N ASN A 304 -3.62 -0.87 4.13
CA ASN A 304 -3.30 0.48 3.64
C ASN A 304 -2.46 1.15 4.75
N TYR A 305 -2.19 2.44 4.65
CA TYR A 305 -1.55 3.18 5.74
C TYR A 305 -2.39 2.98 6.99
N SER A 306 -1.72 2.77 8.13
CA SER A 306 -2.37 2.62 9.40
C SER A 306 -2.43 3.95 10.18
N MET A 307 -3.46 4.10 10.96
CA MET A 307 -3.62 5.27 11.80
C MET A 307 -2.92 5.03 13.13
N GLY A 308 -1.96 5.91 13.45
CA GLY A 308 -1.24 5.88 14.71
C GLY A 308 -1.47 7.16 15.50
N ILE A 309 -1.42 7.04 16.82
CA ILE A 309 -1.75 8.13 17.73
C ILE A 309 -0.50 8.60 18.46
N ASN A 310 -0.30 9.92 18.52
CA ASN A 310 0.86 10.58 19.12
C ASN A 310 0.93 10.38 20.64
N LYS A 311 2.00 9.76 21.10
CA LYS A 311 2.19 9.71 22.54
C LYS A 311 2.45 11.07 23.15
N ASN A 312 2.84 12.07 22.34
CA ASN A 312 2.99 13.41 22.89
C ASN A 312 1.66 14.04 23.25
N SER A 313 0.61 13.69 22.54
CA SER A 313 -0.69 14.31 22.74
C SER A 313 -1.17 14.09 24.19
N ASP A 314 -1.90 15.07 24.71
CA ASP A 314 -2.36 15.00 26.09
C ASP A 314 -3.46 13.97 26.22
N LYS A 315 -3.87 13.74 27.47
CA LYS A 315 -4.80 12.67 27.81
C LYS A 315 -6.07 12.78 26.99
N ASP A 316 -6.65 13.98 26.94
CA ASP A 316 -7.91 14.19 26.21
C ASP A 316 -7.76 13.95 24.72
N ARG A 317 -6.68 14.42 24.12
CA ARG A 317 -6.53 14.27 22.68
C ARG A 317 -6.26 12.83 22.29
N GLN A 318 -5.49 12.11 23.12
CA GLN A 318 -5.25 10.70 22.85
C GLN A 318 -6.58 9.96 22.78
N GLU A 319 -7.45 10.15 23.77
CA GLU A 319 -8.73 9.45 23.79
C GLU A 319 -9.64 9.92 22.66
N ALA A 320 -9.73 11.22 22.42
CA ALA A 320 -10.50 11.69 21.28
C ALA A 320 -9.99 11.07 19.97
N ALA A 321 -8.68 10.95 19.83
CA ALA A 321 -8.12 10.39 18.61
C ALA A 321 -8.45 8.90 18.48
N MET A 322 -8.41 8.16 19.60
CA MET A 322 -8.79 6.75 19.57
C MET A 322 -10.25 6.59 19.20
N ILE A 323 -11.11 7.49 19.73
CA ILE A 323 -12.51 7.48 19.38
C ILE A 323 -12.67 7.77 17.92
N PHE A 324 -11.89 8.72 17.36
CA PHE A 324 -12.03 8.99 15.93
C PHE A 324 -11.60 7.80 15.10
N VAL A 325 -10.52 7.14 15.50
CA VAL A 325 -10.04 6.00 14.73
C VAL A 325 -11.10 4.89 14.71
N LYS A 326 -11.67 4.61 15.89
CA LYS A 326 -12.68 3.60 15.99
C LYS A 326 -13.89 3.95 15.14
N TRP A 327 -14.27 5.24 15.12
CA TRP A 327 -15.34 5.70 14.23
C TRP A 327 -14.98 5.53 12.76
N MET A 328 -13.74 5.83 12.38
CA MET A 328 -13.35 5.57 10.99
C MET A 328 -13.48 4.08 10.70
N THR A 329 -13.11 3.23 11.65
CA THR A 329 -13.08 1.81 11.34
C THR A 329 -14.50 1.27 11.26
N GLU A 330 -15.33 1.56 12.27
CA GLU A 330 -16.62 0.92 12.37
C GLU A 330 -17.74 1.65 11.67
N LYS A 331 -17.58 2.93 11.34
CA LYS A 331 -18.72 3.74 10.95
C LYS A 331 -18.59 4.51 9.64
N SER A 332 -17.39 4.89 9.28
CA SER A 332 -17.27 5.91 8.25
C SER A 332 -17.62 5.41 6.86
N GLY A 333 -17.47 4.13 6.60
CA GLY A 333 -17.61 3.64 5.25
C GLY A 333 -16.46 3.97 4.33
N TYR A 334 -15.38 4.50 4.87
CA TYR A 334 -14.26 4.95 4.04
C TYR A 334 -13.70 3.83 3.16
N SER A 335 -13.52 2.65 3.73
CA SER A 335 -13.07 1.52 2.92
C SER A 335 -13.93 1.26 1.70
N LYS A 336 -15.21 1.52 1.81
CA LYS A 336 -16.14 1.22 0.73
C LYS A 336 -16.13 2.26 -0.38
N ASN A 337 -15.61 3.44 -0.14
CA ASN A 337 -15.50 4.46 -1.18
C ASN A 337 -14.09 4.59 -1.74
N GLU A 338 -13.10 4.10 -1.04
CA GLU A 338 -11.70 4.24 -1.43
C GLU A 338 -11.07 2.92 -1.87
N GLY A 339 -11.88 1.99 -2.36
CA GLY A 339 -11.35 0.76 -2.90
C GLY A 339 -10.75 -0.13 -1.86
N GLY A 340 -11.29 -0.12 -0.64
CA GLY A 340 -10.70 -0.80 0.51
C GLY A 340 -11.41 -2.06 0.94
N ILE A 341 -10.72 -2.93 1.65
CA ILE A 341 -11.35 -4.06 2.32
C ILE A 341 -11.67 -3.56 3.71
N PRO A 342 -12.89 -3.75 4.22
CA PRO A 342 -13.21 -3.22 5.54
C PRO A 342 -12.36 -3.85 6.62
N ILE A 343 -11.96 -3.02 7.60
CA ILE A 343 -11.08 -3.49 8.65
C ILE A 343 -11.81 -4.06 9.85
N VAL A 344 -13.08 -3.71 10.06
CA VAL A 344 -13.83 -4.43 11.07
C VAL A 344 -13.64 -5.93 10.82
N LYS A 345 -13.33 -6.66 11.88
CA LYS A 345 -12.70 -7.98 11.74
C LYS A 345 -13.55 -8.94 10.93
N ASN A 346 -14.84 -9.06 11.26
CA ASN A 346 -15.68 -10.06 10.60
C ASN A 346 -16.68 -9.43 9.65
N ASP A 347 -16.36 -8.28 9.12
CA ASP A 347 -17.03 -7.71 7.96
C ASP A 347 -16.46 -8.43 6.73
N ASP A 348 -17.29 -9.20 6.05
CA ASP A 348 -16.88 -9.99 4.90
C ASP A 348 -17.16 -9.28 3.58
N SER A 349 -17.73 -8.09 3.61
CA SER A 349 -18.02 -7.36 2.39
C SER A 349 -16.74 -6.92 1.68
N TYR A 350 -16.90 -6.52 0.41
CA TYR A 350 -15.80 -6.03 -0.40
C TYR A 350 -16.39 -5.19 -1.52
N PRO A 351 -15.72 -4.13 -1.94
CA PRO A 351 -16.29 -3.28 -2.99
C PRO A 351 -16.23 -3.96 -4.34
N ASP A 352 -16.93 -3.38 -5.31
CA ASP A 352 -16.88 -3.87 -6.67
C ASP A 352 -15.49 -3.79 -7.27
N THR A 353 -14.54 -3.19 -6.56
CA THR A 353 -13.17 -3.09 -7.04
C THR A 353 -12.59 -4.46 -7.33
N TYR A 354 -13.11 -5.53 -6.73
CA TYR A 354 -12.52 -6.85 -6.86
C TYR A 354 -13.29 -7.77 -7.79
N GLU A 355 -13.97 -7.23 -8.78
CA GLU A 355 -14.84 -8.10 -9.58
C GLU A 355 -14.07 -8.98 -10.58
N HIS A 356 -12.79 -8.74 -10.79
CA HIS A 356 -11.95 -9.66 -11.55
C HIS A 356 -11.11 -10.57 -10.68
N PHE A 357 -11.42 -10.66 -9.39
CA PHE A 357 -10.63 -11.42 -8.42
C PHE A 357 -11.38 -12.66 -7.93
N LYS A 358 -12.46 -13.05 -8.59
CA LYS A 358 -13.28 -14.12 -8.06
C LYS A 358 -12.50 -15.42 -7.89
N ASP A 359 -11.52 -15.67 -8.74
CA ASP A 359 -10.68 -16.85 -8.63
C ASP A 359 -9.37 -16.61 -7.87
N VAL A 360 -9.14 -15.43 -7.30
CA VAL A 360 -7.84 -15.11 -6.69
C VAL A 360 -7.89 -15.39 -5.20
N GLU A 361 -6.86 -16.02 -4.70
CA GLU A 361 -6.77 -16.29 -3.26
C GLU A 361 -6.00 -15.17 -2.58
N LEU A 362 -6.70 -14.39 -1.78
CA LEU A 362 -6.07 -13.36 -0.97
C LEU A 362 -5.44 -14.04 0.24
N ILE A 363 -4.18 -13.74 0.51
CA ILE A 363 -3.45 -14.31 1.63
C ILE A 363 -2.72 -13.20 2.39
N VAL A 364 -3.04 -13.06 3.67
CA VAL A 364 -2.25 -12.27 4.60
C VAL A 364 -0.90 -12.92 4.85
N ASP A 365 0.14 -12.11 4.91
CA ASP A 365 1.48 -12.63 5.18
C ASP A 365 1.54 -13.26 6.57
N ALA A 366 2.13 -14.43 6.67
CA ALA A 366 2.41 -15.05 7.96
C ALA A 366 3.34 -14.14 8.75
N PRO A 367 3.23 -14.14 10.06
CA PRO A 367 4.20 -13.41 10.88
C PRO A 367 5.56 -14.12 10.90
N ALA A 368 6.55 -13.47 11.48
CA ALA A 368 7.83 -14.10 11.67
C ALA A 368 7.68 -15.33 12.55
N LYS A 369 8.59 -16.26 12.40
CA LYS A 369 8.73 -17.33 13.37
C LYS A 369 8.85 -16.74 14.76
N GLU A 370 8.34 -17.46 15.75
CA GLU A 370 8.42 -16.96 17.11
C GLU A 370 9.88 -16.71 17.47
N GLY A 371 10.20 -15.50 17.86
CA GLY A 371 11.55 -15.11 18.20
C GLY A 371 12.28 -14.29 17.15
N GLU A 372 11.77 -14.22 15.92
CA GLU A 372 12.42 -13.49 14.86
C GLU A 372 11.60 -12.30 14.39
N GLU A 373 10.76 -11.73 15.24
CA GLU A 373 9.90 -10.62 14.87
C GLU A 373 10.68 -9.43 14.30
N ASP A 374 11.96 -9.31 14.59
CA ASP A 374 12.78 -8.22 14.11
C ASP A 374 13.75 -8.62 13.01
N LEU A 375 13.88 -9.92 12.71
CA LEU A 375 14.92 -10.40 11.80
C LEU A 375 14.77 -9.79 10.40
N PHE A 376 13.58 -9.85 9.83
CA PHE A 376 13.40 -9.24 8.51
C PHE A 376 13.78 -7.76 8.53
N ALA A 377 13.29 -7.01 9.51
CA ALA A 377 13.51 -5.56 9.53
C ALA A 377 15.00 -5.24 9.65
N ASP A 378 15.72 -6.02 10.44
CA ASP A 378 17.16 -5.78 10.60
C ASP A 378 17.91 -6.08 9.30
N ILE A 379 17.56 -7.18 8.63
CA ILE A 379 18.19 -7.52 7.36
C ILE A 379 17.92 -6.43 6.34
N ASN A 380 16.66 -6.03 6.26
CA ASN A 380 16.26 -4.95 5.36
C ASN A 380 17.12 -3.74 5.61
N SER A 381 17.34 -3.38 6.88
CA SER A 381 18.11 -2.19 7.21
C SER A 381 19.56 -2.34 6.80
N ASP A 382 20.18 -3.45 7.15
CA ASP A 382 21.58 -3.65 6.81
C ASP A 382 21.77 -3.60 5.29
N SER A 383 20.90 -4.29 4.57
CA SER A 383 21.08 -4.42 3.13
C SER A 383 20.85 -3.13 2.43
N GLU A 384 20.07 -2.24 3.05
CA GLU A 384 19.63 -0.96 2.50
C GLU A 384 18.71 -1.10 1.29
N LEU A 385 18.15 -2.28 1.08
CA LEU A 385 17.21 -2.45 0.00
C LEU A 385 15.88 -1.80 0.32
N GLY A 386 15.54 -1.65 1.60
CA GLY A 386 14.28 -1.02 1.94
C GLY A 386 13.03 -1.68 1.37
N ILE A 387 12.99 -3.01 1.38
CA ILE A 387 11.89 -3.76 0.79
C ILE A 387 10.61 -3.38 1.49
N ASN A 388 9.65 -2.89 0.72
CA ASN A 388 8.36 -2.46 1.23
C ASN A 388 8.49 -1.37 2.28
N ASN A 389 9.59 -0.63 2.27
CA ASN A 389 9.87 0.42 3.24
C ASN A 389 9.97 1.82 2.64
N GLY A 390 9.68 1.97 1.37
CA GLY A 390 9.68 3.25 0.71
C GLY A 390 10.87 3.45 -0.20
N ASN A 391 11.87 2.56 -0.19
CA ASN A 391 13.01 2.73 -1.08
C ASN A 391 12.60 2.49 -2.53
N GLY A 392 12.19 3.56 -3.20
CA GLY A 392 11.82 3.56 -4.59
C GLY A 392 12.99 3.79 -5.50
N LYS A 393 14.07 4.34 -4.94
CA LYS A 393 15.28 4.60 -5.70
C LYS A 393 15.83 3.33 -6.35
N LYS A 394 15.90 2.23 -5.59
CA LYS A 394 16.32 0.96 -6.19
C LYS A 394 15.45 0.56 -7.38
N ILE A 395 14.17 0.94 -7.37
CA ILE A 395 13.26 0.63 -8.48
C ILE A 395 13.51 1.58 -9.65
N GLN A 396 13.75 2.86 -9.33
CA GLN A 396 14.09 3.82 -10.36
C GLN A 396 15.32 3.35 -11.10
N ASP A 397 16.27 2.77 -10.37
CA ASP A 397 17.52 2.32 -11.01
C ASP A 397 17.23 1.26 -12.08
N ILE A 398 16.23 0.41 -11.86
CA ILE A 398 15.86 -0.59 -12.85
C ILE A 398 15.38 0.10 -14.12
N VAL A 399 14.50 1.09 -13.97
CA VAL A 399 13.97 1.82 -15.12
C VAL A 399 15.13 2.40 -15.93
N VAL A 400 16.03 3.09 -15.23
CA VAL A 400 17.21 3.67 -15.88
C VAL A 400 18.05 2.58 -16.50
N ASP A 401 18.32 1.52 -15.74
CA ASP A 401 19.15 0.45 -16.26
C ASP A 401 18.49 -0.20 -17.49
N ALA A 402 17.18 -0.38 -17.45
CA ALA A 402 16.51 -0.99 -18.60
C ALA A 402 16.53 -0.05 -19.78
N ALA A 403 16.15 1.21 -19.57
CA ALA A 403 16.06 2.15 -20.69
C ALA A 403 17.41 2.33 -21.37
N ASN A 404 18.50 2.30 -20.59
CA ASN A 404 19.84 2.57 -21.12
C ASN A 404 20.62 1.32 -21.48
N LYS A 405 20.11 0.14 -21.15
CA LYS A 405 20.74 -1.12 -21.50
C LYS A 405 22.13 -1.27 -20.89
N THR A 406 22.33 -0.70 -19.71
CA THR A 406 23.60 -0.83 -19.03
C THR A 406 23.70 -2.08 -18.18
N LYS A 407 22.57 -2.70 -17.86
CA LYS A 407 22.56 -3.88 -17.02
C LYS A 407 21.35 -4.73 -17.40
N THR A 408 21.52 -6.06 -17.34
CA THR A 408 20.42 -7.01 -17.42
C THR A 408 19.65 -7.06 -16.11
N ILE A 409 18.41 -7.55 -16.17
CA ILE A 409 17.66 -7.75 -14.92
C ILE A 409 18.36 -8.73 -14.00
N ASP A 410 19.04 -9.73 -14.56
CA ASP A 410 19.78 -10.68 -13.73
C ASP A 410 20.95 -10.00 -13.00
N GLN A 411 21.71 -9.16 -13.66
CA GLN A 411 22.76 -8.41 -12.97
C GLN A 411 22.19 -7.64 -11.78
N ILE A 412 21.04 -6.97 -11.99
CA ILE A 412 20.44 -6.18 -10.93
C ILE A 412 20.00 -7.07 -9.79
N MET A 413 19.37 -8.22 -10.09
CA MET A 413 18.86 -9.05 -9.00
C MET A 413 20.02 -9.71 -8.30
N GLY A 414 21.09 -10.03 -9.02
CA GLY A 414 22.26 -10.58 -8.37
C GLY A 414 22.87 -9.56 -7.42
N GLU A 415 22.87 -8.30 -7.82
CA GLU A 415 23.41 -7.27 -6.95
C GLU A 415 22.56 -7.12 -5.69
N TRP A 416 21.21 -7.19 -5.84
CA TRP A 416 20.36 -7.19 -4.67
C TRP A 416 20.68 -8.41 -3.81
N ASP A 417 20.88 -9.58 -4.45
CA ASP A 417 21.12 -10.79 -3.68
C ASP A 417 22.42 -10.68 -2.87
N GLN A 418 23.46 -10.09 -3.45
CA GLN A 418 24.68 -9.87 -2.68
C GLN A 418 24.39 -9.02 -1.45
N LYS A 419 23.71 -7.89 -1.63
CA LYS A 419 23.44 -7.05 -0.47
C LYS A 419 22.50 -7.73 0.53
N TRP A 420 21.56 -8.53 0.04
CA TRP A 420 20.61 -9.12 0.98
C TRP A 420 21.27 -10.27 1.72
N GLY A 421 22.01 -11.12 0.99
CA GLY A 421 22.65 -12.26 1.64
C GLY A 421 23.73 -11.87 2.62
N LYS A 422 24.45 -10.79 2.35
CA LYS A 422 25.41 -10.28 3.30
C LYS A 422 24.70 -9.86 4.59
N ALA A 423 23.58 -9.14 4.46
CA ALA A 423 22.78 -8.76 5.61
C ALA A 423 22.28 -9.99 6.36
N VAL A 424 21.74 -10.97 5.63
CA VAL A 424 21.28 -12.21 6.25
C VAL A 424 22.38 -12.84 7.11
N GLU A 425 23.59 -12.89 6.61
CA GLU A 425 24.66 -13.45 7.43
C GLU A 425 24.98 -12.59 8.63
N SER A 426 24.90 -11.26 8.50
CA SER A 426 25.22 -10.36 9.62
C SER A 426 24.24 -10.53 10.78
N GLU A 427 23.03 -10.96 10.52
CA GLU A 427 22.02 -10.97 11.59
C GLU A 427 21.69 -12.39 12.03
C1 BMA B . -2.90 12.13 -3.72
C2 BMA B . -3.56 10.76 -3.77
C3 BMA B . -2.85 9.83 -2.77
C4 BMA B . -1.34 9.78 -3.12
C5 BMA B . -0.77 11.20 -3.21
C6 BMA B . 0.72 11.22 -3.68
O1 BMA B . -3.52 12.92 -4.63
O2 BMA B . -3.41 10.16 -5.07
O3 BMA B . -3.49 8.57 -2.74
O4 BMA B . -0.55 9.12 -2.14
O5 BMA B . -1.56 12.00 -4.12
O6 BMA B . 1.25 12.53 -3.50
H1 BMA B . -2.97 12.60 -2.71
H2 BMA B . -4.64 10.86 -3.53
H3 BMA B . -2.90 10.17 -1.73
H4 BMA B . -1.32 9.26 -4.09
H5 BMA B . -0.82 11.67 -2.21
H61 BMA B . 0.76 10.91 -4.73
H62 BMA B . 1.27 10.47 -3.08
HO1 BMA B . -2.93 13.65 -4.84
HO2 BMA B . -3.85 9.30 -5.02
HO3 BMA B . -3.33 8.22 -1.84
HO6 BMA B . 0.88 13.09 -4.18
C1 BMA B . -0.57 7.73 -2.30
C2 BMA B . 0.83 7.28 -1.79
C3 BMA B . 0.86 5.83 -1.69
C4 BMA B . -0.34 5.22 -0.95
C5 BMA B . -1.66 5.78 -1.47
C6 BMA B . -2.84 5.42 -0.57
O2 BMA B . 1.07 7.77 -0.49
O3 BMA B . 2.09 5.47 -1.08
O4 BMA B . -0.33 3.77 -1.15
O5 BMA B . -1.56 7.25 -1.47
O6 BMA B . -2.55 5.86 0.80
H2 BMA B . 1.60 7.65 -2.48
H3 BMA B . 0.82 5.36 -2.68
H4 BMA B . -0.28 5.52 0.12
H5 BMA B . -1.85 5.40 -2.48
H61 BMA B . -3.00 4.34 -0.62
H62 BMA B . -3.75 5.92 -0.97
HO2 BMA B . 0.67 8.65 -0.47
HO3 BMA B . 2.07 4.49 -1.01
HO6 BMA B . -3.28 6.42 1.09
C1 BMA B . -0.12 3.02 0.06
C2 BMA B . -0.73 1.64 -0.11
C3 BMA B . -0.42 0.73 1.10
C4 BMA B . 1.11 0.83 1.41
C5 BMA B . 1.51 2.27 1.57
C6 BMA B . 2.99 2.43 1.91
O2 BMA B . -0.14 1.05 -1.29
O3 BMA B . -0.83 -0.65 0.93
O4 BMA B . 1.42 0.16 2.58
O5 BMA B . 1.26 2.94 0.34
O6 BMA B . 3.76 2.05 0.80
H2 BMA B . -1.82 1.70 -0.19
H3 BMA B . -1.02 1.05 1.96
H4 BMA B . 1.64 0.40 0.54
H5 BMA B . 0.93 2.75 2.37
H61 BMA B . 3.21 1.81 2.79
H62 BMA B . 3.16 3.49 2.17
HO2 BMA B . -0.86 0.58 -1.74
HO3 BMA B . -1.18 -0.91 1.80
HO4 BMA B . 0.81 -0.59 2.61
HO6 BMA B . 3.16 1.94 0.05
C1 PGE C . 23.25 -1.46 -7.28
O1 PGE C . 24.11 -0.49 -6.69
C2 PGE C . 23.01 -2.54 -6.24
O2 PGE C . 21.64 -2.59 -5.88
C3 PGE C . 21.16 -1.35 -5.37
C4 PGE C . 20.45 -1.61 -4.07
O4 PGE C . 22.47 0.96 -1.92
C6 PGE C . 21.31 0.51 -1.22
C5 PGE C . 20.81 -0.76 -1.91
O3 PGE C . 20.65 -0.50 -3.27
H1 PGE C . 22.28 -1.02 -7.57
H12 PGE C . 23.70 -1.92 -8.17
HO1 PGE C . 24.60 -0.05 -7.40
H2 PGE C . 23.63 -2.32 -5.35
H22 PGE C . 23.33 -3.50 -6.65
H3 PGE C . 20.44 -0.89 -6.08
H32 PGE C . 21.97 -0.64 -5.22
H4 PGE C . 19.38 -1.79 -4.26
H42 PGE C . 20.87 -2.52 -3.60
HO4 PGE C . 22.85 1.69 -1.43
H6 PGE C . 21.53 0.29 -0.17
H62 PGE C . 20.50 1.27 -1.26
H5 PGE C . 19.87 -1.07 -1.44
H52 PGE C . 21.54 -1.57 -1.74
C1 PGE D . -2.14 -10.60 -25.64
O1 PGE D . -3.10 -10.33 -26.65
C2 PGE D . -2.79 -10.55 -24.28
O2 PGE D . -3.30 -11.83 -23.95
C3 PGE D . -3.62 -11.95 -22.56
C4 PGE D . -4.47 -13.13 -22.26
O4 PGE D . -3.49 -17.57 -23.11
C6 PGE D . -4.51 -16.57 -23.35
C5 PGE D . -4.51 -15.52 -22.25
O3 PGE D . -3.90 -14.33 -22.75
H1 PGE D . -1.32 -9.85 -25.65
H12 PGE D . -1.69 -11.59 -25.76
HO1 PGE D . -2.65 -10.32 -27.51
H2 PGE D . -3.61 -9.81 -24.29
H22 PGE D . -2.06 -10.22 -23.52
H3 PGE D . -2.69 -12.04 -21.97
H32 PGE D . -4.14 -11.05 -22.23
H4 PGE D . -5.47 -12.97 -22.71
H42 PGE D . -4.61 -13.20 -21.17
HO4 PGE D . -3.55 -18.23 -23.80
H6 PGE D . -5.51 -17.03 -23.38
H62 PGE D . -4.34 -16.06 -24.31
H5 PGE D . -5.55 -15.33 -21.93
H52 PGE D . -3.96 -15.91 -21.38
C1 PGE E . -23.33 0.86 2.28
O1 PGE E . -23.24 -0.55 2.14
C2 PGE E . -22.38 1.24 3.36
O2 PGE E . -22.85 2.29 4.18
C3 PGE E . -21.85 3.06 4.81
C4 PGE E . -20.86 2.12 5.44
O4 PGE E . -19.97 -0.86 7.74
C6 PGE E . -19.54 0.44 7.35
C5 PGE E . -20.69 1.33 7.63
O3 PGE E . -20.63 2.43 6.79
H1 PGE E . -23.06 1.39 1.36
H12 PGE E . -24.34 1.17 2.58
HO1 PGE E . -23.83 -0.81 1.43
H2 PGE E . -21.42 1.55 2.88
H22 PGE E . -22.16 0.35 3.97
H3 PGE E . -21.33 3.70 4.08
H32 PGE E . -22.28 3.72 5.59
H4 PGE E . -21.26 1.09 5.35
H42 PGE E . -19.91 2.17 4.88
HO4 PGE E . -19.17 -1.42 7.83
H6 PGE E . -19.29 0.49 6.28
H62 PGE E . -18.66 0.78 7.93
H5 PGE E . -21.62 0.77 7.50
H52 PGE E . -20.63 1.65 8.69
C ACT F . -8.03 23.26 21.97
O ACT F . -7.09 23.92 22.49
OXT ACT F . -8.48 22.14 22.28
CH3 ACT F . -8.69 23.93 20.78
H1 ACT F . -9.64 24.00 20.93
H2 ACT F . -8.51 23.41 19.99
H3 ACT F . -8.31 24.82 20.67
C1 PGE G . -15.13 -8.14 -17.97
O1 PGE G . -16.27 -8.40 -17.13
C2 PGE G . -14.42 -9.42 -18.26
O2 PGE G . -13.01 -9.24 -18.17
C3 PGE G . -12.31 -9.48 -19.39
C4 PGE G . -11.08 -8.63 -19.40
O4 PGE G . -12.02 -5.78 -22.98
C6 PGE G . -11.09 -6.27 -21.98
C5 PGE G . -11.64 -7.60 -21.48
O3 PGE G . -10.66 -8.29 -20.71
H1 PGE G . -14.42 -7.45 -17.48
H12 PGE G . -15.43 -7.69 -18.93
HO1 PGE G . -16.72 -7.57 -16.98
H2 PGE G . -14.76 -10.20 -17.54
H22 PGE G . -14.71 -9.76 -19.27
H3 PGE G . -12.94 -9.23 -20.27
H32 PGE G . -12.03 -10.54 -19.49
H4 PGE G . -10.27 -9.19 -18.88
H42 PGE G . -11.28 -7.72 -18.81
HO4 PGE G . -11.68 -4.93 -23.29
H6 PGE G . -10.08 -6.44 -22.40
H62 PGE G . -10.99 -5.58 -21.13
H5 PGE G . -12.53 -7.40 -20.89
H52 PGE G . -11.93 -8.20 -22.35
O22 P33 H . -25.19 -5.25 9.30
C21 P33 H . -24.70 -5.59 8.05
C20 P33 H . -24.26 -7.03 8.10
O19 P33 H . -23.32 -7.14 9.10
C18 P33 H . -22.08 -7.54 8.63
C17 P33 H . -21.10 -6.39 8.72
O16 P33 H . -20.67 -6.28 10.04
C15 P33 H . -19.86 -5.17 10.25
C14 P33 H . -20.63 -4.11 11.02
O13 P33 H . -19.87 -3.68 12.12
C12 P33 H . -20.48 -3.95 13.35
C11 P33 H . -19.54 -3.44 14.46
O10 P33 H . -18.56 -4.40 14.70
C9 P33 H . -17.96 -4.26 15.97
C8 P33 H . -16.57 -4.87 15.88
O7 P33 H . -16.70 -6.26 15.73
C6 P33 H . -15.50 -6.93 15.46
C5 P33 H . -15.86 -8.32 14.90
O4 P33 H . -16.34 -8.18 13.59
C3 P33 H . -17.72 -8.41 13.56
C2 P33 H . -18.45 -7.33 12.76
O1 P33 H . -19.18 -6.55 13.65
H22 P33 H . -25.74 -4.60 9.24
H211 P33 H . -25.40 -5.48 7.38
H212 P33 H . -23.95 -5.03 7.82
H201 P33 H . -25.02 -7.60 8.30
H202 P33 H . -23.87 -7.30 7.25
H181 P33 H . -22.16 -7.83 7.71
H182 P33 H . -21.76 -8.29 9.16
H171 P33 H . -21.53 -5.57 8.45
H172 P33 H . -20.33 -6.56 8.14
H151 P33 H . -19.58 -4.81 9.39
H152 P33 H . -19.07 -5.43 10.76
H141 P33 H . -20.80 -3.35 10.44
H142 P33 H . -21.46 -4.48 11.34
H121 P33 H . -20.61 -4.91 13.45
H122 P33 H . -21.33 -3.49 13.41
H111 P33 H . -20.05 -3.29 15.27
H112 P33 H . -19.13 -2.61 14.18
H91 P33 H . -18.49 -4.73 16.63
H92 P33 H . -17.91 -3.33 16.21
H81 P33 H . -16.09 -4.50 15.12
H82 P33 H . -16.08 -4.66 16.69
H61 P33 H . -14.98 -7.03 16.28
H62 P33 H . -14.99 -6.44 14.81
H51 P33 H . -15.06 -8.88 14.89
H52 P33 H . -16.53 -8.73 15.46
H31 P33 H . -18.06 -8.42 14.47
H32 P33 H . -17.89 -9.28 13.14
H21 P33 H . -17.81 -6.77 12.29
H22A P33 H . -19.05 -7.74 12.11
HO1 P33 H . -19.92 -6.92 13.82
O22 P33 I . -1.20 -3.64 0.22
C21 P33 I . 0.13 -3.99 -0.04
C20 P33 I . 0.11 -5.52 -0.21
O19 P33 I . 1.39 -6.08 -0.05
C18 P33 I . 2.25 -5.47 0.82
C17 P33 I . 3.32 -6.44 1.21
O16 P33 I . 3.33 -6.44 2.62
C15 P33 I . 4.02 -5.35 3.16
C14 P33 I . 3.65 -5.17 4.64
O13 P33 I . 3.08 -3.89 4.82
C12 P33 I . 2.21 -3.79 5.92
C11 P33 I . 1.30 -2.58 5.72
O10 P33 I . 2.12 -1.44 5.80
C9 P33 I . 1.35 -0.28 5.58
C8 P33 I . 2.25 0.94 5.36
O7 P33 I . 2.88 1.27 6.55
C6 P33 I . 3.94 2.23 6.34
C5 P33 I . 5.15 1.50 5.74
O4 P33 I . 5.92 1.08 6.83
C3 P33 I . 6.93 0.16 6.54
C2 P33 I . 7.43 -0.38 7.88
O1 P33 I . 7.19 -1.77 7.97
H22 P33 I . -1.35 -2.85 -0.05
H211 P33 I . 0.70 -3.74 0.71
H212 P33 I . 0.45 -3.56 -0.86
H201 P33 I . -0.48 -5.90 0.45
H202 P33 I . -0.22 -5.74 -1.09
H181 P33 I . 2.65 -4.69 0.39
H182 P33 I . 1.76 -5.18 1.60
H171 P33 I . 3.13 -7.32 0.87
H172 P33 I . 4.18 -6.15 0.87
H151 P33 I . 4.97 -5.50 3.10
H152 P33 I . 3.78 -4.55 2.67
H141 P33 I . 4.44 -5.26 5.19
H142 P33 I . 3.00 -5.85 4.90
H121 P33 I . 2.73 -3.68 6.74
H122 P33 I . 1.67 -4.60 5.99
H111 P33 I . 0.88 -2.63 4.85
H112 P33 I . 0.63 -2.55 6.41
H91 P33 I . 0.80 -0.12 6.36
H92 P33 I . 0.80 -0.40 4.80
H81 P33 I . 1.70 1.69 5.07
H82 P33 I . 2.91 0.74 4.68
H61 P33 I . 3.63 2.91 5.71
H62 P33 I . 4.19 2.65 7.17
H51 P33 I . 5.66 2.11 5.19
H52 P33 I . 4.86 0.73 5.22
H31 P33 I . 6.57 -0.57 6.00
H32 P33 I . 7.65 0.59 6.05
H21 P33 I . 6.97 0.08 8.60
H22A P33 I . 8.39 -0.22 7.95
HO1 P33 I . 7.56 -2.08 8.67
#